data_8RIX
#
_entry.id   8RIX
#
_cell.length_a   138.280
_cell.length_b   37.070
_cell.length_c   59.820
_cell.angle_alpha   90.000
_cell.angle_beta   110.628
_cell.angle_gamma   90.000
#
_symmetry.space_group_name_H-M   'C 1 2 1'
#
loop_
_entity.id
_entity.type
_entity.pdbx_description
1 polymer 'Cell division protein FtsY homolog, chloroplastic'
2 non-polymer "GUANOSINE-5',3'-TETRAPHOSPHATE"
3 non-polymer 'MAGNESIUM ION'
4 water water
#
_entity_poly.entity_id   1
_entity_poly.type   'polypeptide(L)'
_entity_poly.pdbx_seq_one_letter_code
;MGHHHHHHMGEKVFSGFSKTRENLAVIDELLLFWNLAETDRVLDELEEALLVSDFGPKITVRIVERLREDIMSGKLKSGS
EIKDALKESVLEMLAKKNSKTELQLGFRKPAVIMIVGVNGGGKTTSLGKLAHRLKNEGTKVLMAAGDTFRAAASDQLEIW
AERTGCEIVVAEGDKAKAATVLSKAVKRGKEEGYDVVLCDTSGRLHTNYSLMEELIACKKAVGKIVSGAPNEILLVLDGN
TGLNMLPQAREFNEVVGITGLILTKLDGSARGGCVVSVVEELGIPVKFIGVGEAVEDLQPFDPEAFVNAIFSLE
;
_entity_poly.pdbx_strand_id   A
#
loop_
_chem_comp.id
_chem_comp.type
_chem_comp.name
_chem_comp.formula
G4P RNA linking GUANOSINE-5',3'-TETRAPHOSPHATE 'C10 H17 N5 O17 P4'
MG non-polymer 'MAGNESIUM ION' 'Mg 2'
#
# COMPACT_ATOMS: atom_id res chain seq x y z
N GLY A 16 -6.13 14.72 1.35
CA GLY A 16 -5.61 13.48 1.89
C GLY A 16 -6.54 12.88 2.93
N PHE A 17 -7.47 12.04 2.47
CA PHE A 17 -8.54 11.51 3.31
C PHE A 17 -9.40 12.63 3.91
N SER A 18 -9.38 13.82 3.30
CA SER A 18 -10.19 14.91 3.81
C SER A 18 -11.69 14.59 3.81
N LYS A 19 -12.18 13.80 2.84
CA LYS A 19 -13.57 13.39 2.88
C LYS A 19 -13.84 12.46 4.06
N THR A 20 -12.91 11.55 4.35
CA THR A 20 -13.05 10.71 5.53
C THR A 20 -13.04 11.56 6.80
N ARG A 21 -12.10 12.50 6.91
CA ARG A 21 -12.04 13.33 8.10
C ARG A 21 -13.35 14.07 8.33
N GLU A 22 -13.95 14.60 7.25
CA GLU A 22 -15.22 15.30 7.36
C GLU A 22 -16.34 14.37 7.84
N ASN A 23 -16.40 13.17 7.29
CA ASN A 23 -17.43 12.23 7.71
C ASN A 23 -17.22 11.79 9.15
N LEU A 24 -15.99 11.45 9.53
CA LEU A 24 -15.72 11.01 10.89
C LEU A 24 -15.89 12.14 11.93
N ALA A 25 -15.86 13.41 11.50
CA ALA A 25 -16.00 14.51 12.45
C ALA A 25 -17.33 14.48 13.19
N VAL A 26 -18.33 13.79 12.66
CA VAL A 26 -19.57 13.64 13.40
C VAL A 26 -19.37 12.86 14.69
N ILE A 27 -18.30 12.07 14.80
CA ILE A 27 -17.99 11.39 16.06
C ILE A 27 -17.69 12.41 17.15
N ASP A 28 -17.06 13.53 16.78
CA ASP A 28 -16.73 14.53 17.80
C ASP A 28 -18.00 15.17 18.35
N GLU A 29 -18.86 15.64 17.45
CA GLU A 29 -20.15 16.18 17.88
C GLU A 29 -20.89 15.19 18.77
N LEU A 30 -20.88 13.91 18.42
CA LEU A 30 -21.57 12.90 19.24
C LEU A 30 -21.01 12.85 20.64
N LEU A 31 -19.69 12.74 20.75
CA LEU A 31 -19.05 12.53 22.04
C LEU A 31 -19.14 13.77 22.93
N LEU A 32 -19.40 14.94 22.35
CA LEU A 32 -19.57 16.16 23.14
C LEU A 32 -20.51 15.93 24.32
N PHE A 33 -21.64 15.29 24.06
CA PHE A 33 -22.72 15.17 25.03
C PHE A 33 -22.89 13.77 25.56
N TRP A 34 -21.91 12.89 25.34
CA TRP A 34 -21.99 11.56 25.90
C TRP A 34 -22.13 11.60 27.42
N ASN A 35 -22.92 10.69 27.95
CA ASN A 35 -22.87 10.34 29.37
C ASN A 35 -23.16 8.85 29.44
N LEU A 36 -23.00 8.29 30.64
CA LEU A 36 -23.21 6.87 30.83
C LEU A 36 -24.54 6.41 30.20
N ALA A 37 -25.61 7.17 30.44
CA ALA A 37 -26.94 6.74 30.00
C ALA A 37 -27.08 6.77 28.47
N GLU A 38 -26.43 7.72 27.82
CA GLU A 38 -26.50 7.83 26.38
C GLU A 38 -25.50 6.93 25.64
N THR A 39 -24.92 5.94 26.32
CA THR A 39 -23.83 5.17 25.73
C THR A 39 -24.28 4.37 24.52
N ASP A 40 -25.40 3.65 24.63
CA ASP A 40 -25.84 2.80 23.53
C ASP A 40 -26.20 3.63 22.30
N ARG A 41 -26.92 4.74 22.50
CA ARG A 41 -27.17 5.63 21.38
C ARG A 41 -25.86 6.10 20.75
N VAL A 42 -24.91 6.54 21.59
CA VAL A 42 -23.68 7.11 21.04
C VAL A 42 -22.92 6.05 20.24
N LEU A 43 -22.83 4.83 20.77
CA LEU A 43 -22.07 3.79 20.07
C LEU A 43 -22.77 3.33 18.80
N ASP A 44 -24.09 3.07 18.86
CA ASP A 44 -24.79 2.69 17.63
C ASP A 44 -24.44 3.65 16.52
N GLU A 45 -24.24 4.91 16.86
CA GLU A 45 -24.14 5.95 15.89
C GLU A 45 -22.67 6.24 15.56
N LEU A 46 -21.78 5.94 16.52
CA LEU A 46 -20.34 5.80 16.21
C LEU A 46 -20.11 4.68 15.21
N GLU A 47 -20.68 3.50 15.47
CA GLU A 47 -20.62 2.38 14.54
C GLU A 47 -21.06 2.79 13.14
N GLU A 48 -22.15 3.55 13.05
CA GLU A 48 -22.63 3.98 11.74
C GLU A 48 -21.61 4.87 11.03
N ALA A 49 -20.97 5.79 11.77
CA ALA A 49 -19.96 6.65 11.16
C ALA A 49 -18.76 5.85 10.67
N LEU A 50 -18.34 4.83 11.43
CA LEU A 50 -17.22 4.00 10.99
C LEU A 50 -17.62 3.17 9.78
N LEU A 51 -18.86 2.69 9.76
CA LEU A 51 -19.33 1.86 8.65
C LEU A 51 -19.46 2.67 7.36
N VAL A 52 -19.93 3.92 7.46
CA VAL A 52 -20.07 4.74 6.27
C VAL A 52 -18.70 5.07 5.68
N SER A 53 -17.73 5.41 6.53
CA SER A 53 -16.32 5.29 6.13
C SER A 53 -16.04 3.79 5.90
N ASP A 54 -14.91 3.43 5.32
CA ASP A 54 -14.95 2.01 4.94
C ASP A 54 -14.46 1.07 6.02
N PHE A 55 -14.73 1.31 7.30
CA PHE A 55 -14.32 0.33 8.29
C PHE A 55 -15.17 -0.92 8.13
N GLY A 56 -14.51 -2.08 8.00
CA GLY A 56 -15.20 -3.31 7.75
C GLY A 56 -16.11 -3.69 8.89
N PRO A 57 -17.08 -4.57 8.63
CA PRO A 57 -18.03 -4.93 9.69
C PRO A 57 -17.36 -5.61 10.86
N LYS A 58 -16.44 -6.52 10.56
CA LYS A 58 -15.80 -7.32 11.60
C LYS A 58 -14.98 -6.45 12.56
N ILE A 59 -14.30 -5.41 12.05
CA ILE A 59 -13.47 -4.59 12.94
C ILE A 59 -14.27 -3.50 13.63
N THR A 60 -15.27 -2.93 12.95
CA THR A 60 -16.15 -1.99 13.62
C THR A 60 -16.77 -2.62 14.85
N VAL A 61 -17.22 -3.88 14.73
CA VAL A 61 -17.83 -4.56 15.87
C VAL A 61 -16.82 -4.70 17.01
N ARG A 62 -15.57 -5.06 16.68
CA ARG A 62 -14.55 -5.17 17.72
C ARG A 62 -14.22 -3.82 18.33
N ILE A 63 -14.05 -2.78 17.50
CA ILE A 63 -13.79 -1.44 18.03
C ILE A 63 -14.90 -1.02 18.99
N VAL A 64 -16.13 -1.17 18.53
CA VAL A 64 -17.26 -0.66 19.30
C VAL A 64 -17.50 -1.51 20.53
N GLU A 65 -17.35 -2.83 20.41
CA GLU A 65 -17.46 -3.67 21.60
C GLU A 65 -16.32 -3.42 22.58
N ARG A 66 -15.12 -3.12 22.10
CA ARG A 66 -14.05 -2.73 23.01
C ARG A 66 -14.40 -1.44 23.74
N LEU A 67 -14.91 -0.45 23.00
CA LEU A 67 -15.33 0.80 23.64
C LEU A 67 -16.39 0.53 24.69
N ARG A 68 -17.35 -0.34 24.37
CA ARG A 68 -18.44 -0.56 25.32
C ARG A 68 -17.92 -1.24 26.58
N GLU A 69 -17.02 -2.22 26.43
CA GLU A 69 -16.44 -2.85 27.62
C GLU A 69 -15.72 -1.82 28.48
N ASP A 70 -15.00 -0.89 27.86
CA ASP A 70 -14.20 0.04 28.64
C ASP A 70 -15.03 1.18 29.21
N ILE A 71 -16.21 1.47 28.63
CA ILE A 71 -17.12 2.40 29.28
C ILE A 71 -17.78 1.77 30.50
N MET A 72 -18.19 0.49 30.40
CA MET A 72 -18.86 -0.18 31.51
C MET A 72 -17.92 -0.33 32.71
N SER A 73 -16.69 -0.78 32.46
CA SER A 73 -15.71 -0.94 33.54
C SER A 73 -15.15 0.40 34.04
N GLY A 74 -15.69 1.53 33.60
CA GLY A 74 -15.26 2.81 34.11
C GLY A 74 -13.89 3.28 33.68
N LYS A 75 -13.23 2.57 32.75
CA LYS A 75 -11.92 3.03 32.29
C LYS A 75 -12.05 4.30 31.45
N LEU A 76 -13.21 4.52 30.82
CA LEU A 76 -13.46 5.68 29.95
C LEU A 76 -14.64 6.44 30.53
N LYS A 77 -14.39 7.67 30.98
CA LYS A 77 -15.39 8.43 31.73
C LYS A 77 -15.76 9.76 31.08
N SER A 78 -15.36 10.01 29.83
CA SER A 78 -15.70 11.27 29.19
C SER A 78 -15.65 11.10 27.67
N GLY A 79 -16.26 12.06 26.98
CA GLY A 79 -16.27 11.99 25.52
C GLY A 79 -14.88 11.95 24.94
N SER A 80 -13.97 12.75 25.48
CA SER A 80 -12.62 12.83 24.95
C SER A 80 -11.83 11.55 25.19
N GLU A 81 -12.04 10.88 26.33
CA GLU A 81 -11.37 9.61 26.57
C GLU A 81 -11.88 8.55 25.59
N ILE A 82 -13.20 8.55 25.32
CA ILE A 82 -13.74 7.62 24.33
C ILE A 82 -13.13 7.88 22.96
N LYS A 83 -13.00 9.15 22.58
CA LYS A 83 -12.40 9.50 21.29
C LYS A 83 -10.97 9.02 21.23
N ASP A 84 -10.20 9.22 22.30
CA ASP A 84 -8.81 8.77 22.32
C ASP A 84 -8.72 7.25 22.21
N ALA A 85 -9.58 6.52 22.93
CA ALA A 85 -9.54 5.06 22.86
C ALA A 85 -9.93 4.54 21.49
N LEU A 86 -10.92 5.18 20.85
CA LEU A 86 -11.22 4.86 19.46
C LEU A 86 -9.98 4.98 18.59
N LYS A 87 -9.32 6.14 18.66
CA LYS A 87 -8.11 6.34 17.88
C LYS A 87 -7.07 5.29 18.20
N GLU A 88 -6.90 4.93 19.46
CA GLU A 88 -5.83 3.99 19.66
C GLU A 88 -6.25 2.56 19.33
N SER A 89 -7.53 2.23 19.44
CA SER A 89 -7.99 0.94 18.94
C SER A 89 -7.73 0.78 17.43
N VAL A 90 -7.87 1.85 16.66
CA VAL A 90 -7.60 1.81 15.22
C VAL A 90 -6.10 1.73 14.98
N LEU A 91 -5.33 2.55 15.69
CA LEU A 91 -3.88 2.49 15.61
C LEU A 91 -3.36 1.07 15.88
N GLU A 92 -3.88 0.40 16.91
CA GLU A 92 -3.43 -0.95 17.23
C GLU A 92 -3.74 -1.95 16.11
N MET A 93 -4.77 -1.70 15.31
CA MET A 93 -5.04 -2.58 14.16
C MET A 93 -4.18 -2.25 12.96
N LEU A 94 -3.69 -1.02 12.85
CA LEU A 94 -2.75 -0.70 11.78
C LEU A 94 -1.34 -1.18 12.07
N ALA A 95 -0.93 -1.19 13.34
CA ALA A 95 0.48 -1.29 13.69
C ALA A 95 0.68 -2.32 14.81
N LYS A 96 0.61 -3.59 14.46
CA LYS A 96 0.96 -4.67 15.39
C LYS A 96 2.38 -5.18 15.14
N SER A 99 5.38 -4.59 12.79
CA SER A 99 5.34 -4.28 11.36
C SER A 99 5.89 -2.88 11.08
N LYS A 100 6.86 -2.83 10.17
CA LYS A 100 7.54 -1.59 9.79
C LYS A 100 6.92 -1.08 8.49
N THR A 101 6.73 0.23 8.39
CA THR A 101 6.17 0.78 7.15
C THR A 101 7.23 1.35 6.23
N GLU A 102 8.48 1.48 6.68
CA GLU A 102 9.56 1.98 5.84
C GLU A 102 10.05 0.91 4.86
N LEU A 103 10.50 1.37 3.69
CA LEU A 103 11.31 0.52 2.83
C LEU A 103 12.59 0.13 3.57
N GLN A 104 12.95 -1.14 3.52
CA GLN A 104 14.18 -1.63 4.14
C GLN A 104 15.08 -2.12 3.02
N LEU A 105 15.92 -1.24 2.54
CA LEU A 105 16.76 -1.57 1.39
C LEU A 105 18.11 -2.11 1.81
N GLY A 106 18.47 -2.00 3.09
CA GLY A 106 19.73 -2.59 3.52
C GLY A 106 20.92 -1.86 2.93
N PHE A 107 22.02 -2.61 2.75
CA PHE A 107 23.24 -1.99 2.27
C PHE A 107 23.85 -2.64 1.03
N ARG A 108 23.59 -3.92 0.76
CA ARG A 108 24.10 -4.50 -0.49
C ARG A 108 23.47 -3.83 -1.71
N LYS A 109 24.31 -3.64 -2.76
CA LYS A 109 23.89 -2.88 -3.92
C LYS A 109 23.82 -3.79 -5.15
N PRO A 110 22.80 -3.63 -6.01
CA PRO A 110 21.69 -2.71 -5.80
C PRO A 110 20.61 -3.30 -4.91
N ALA A 111 19.83 -2.45 -4.24
CA ALA A 111 18.57 -2.91 -3.67
C ALA A 111 17.58 -3.13 -4.80
N VAL A 112 16.75 -4.17 -4.68
CA VAL A 112 15.79 -4.52 -5.72
C VAL A 112 14.39 -4.44 -5.15
N ILE A 113 13.52 -3.67 -5.82
CA ILE A 113 12.11 -3.52 -5.45
C ILE A 113 11.27 -3.98 -6.64
N MET A 114 10.41 -4.97 -6.41
CA MET A 114 9.45 -5.44 -7.40
C MET A 114 8.08 -4.84 -7.07
N ILE A 115 7.41 -4.29 -8.07
CA ILE A 115 6.04 -3.78 -7.95
C ILE A 115 5.13 -4.79 -8.64
N VAL A 116 4.16 -5.34 -7.92
CA VAL A 116 3.32 -6.42 -8.40
C VAL A 116 1.85 -6.04 -8.15
N GLY A 117 0.94 -6.79 -8.76
CA GLY A 117 -0.48 -6.51 -8.61
C GLY A 117 -1.23 -6.63 -9.92
N VAL A 118 -2.56 -6.62 -9.85
CA VAL A 118 -3.36 -6.79 -11.06
C VAL A 118 -3.29 -5.52 -11.90
N ASN A 119 -3.33 -5.69 -13.21
CA ASN A 119 -3.30 -4.53 -14.08
C ASN A 119 -4.50 -3.63 -13.79
N GLY A 120 -4.32 -2.34 -14.08
CA GLY A 120 -5.30 -1.34 -13.77
C GLY A 120 -5.08 -0.65 -12.45
N GLY A 121 -4.38 -1.32 -11.52
CA GLY A 121 -4.35 -0.85 -10.15
C GLY A 121 -3.40 0.30 -9.91
N GLY A 122 -2.35 0.43 -10.73
CA GLY A 122 -1.41 1.51 -10.62
C GLY A 122 0.07 1.13 -10.42
N LYS A 123 0.49 -0.08 -10.85
CA LYS A 123 1.89 -0.48 -10.66
C LYS A 123 2.84 0.49 -11.35
N THR A 124 2.66 0.68 -12.65
CA THR A 124 3.63 1.47 -13.41
C THR A 124 3.68 2.91 -12.92
N THR A 125 2.52 3.52 -12.66
CA THR A 125 2.56 4.89 -12.18
C THR A 125 3.11 4.98 -10.76
N SER A 126 2.74 4.03 -9.89
CA SER A 126 3.32 4.02 -8.54
C SER A 126 4.84 3.88 -8.62
N LEU A 127 5.31 3.00 -9.49
CA LEU A 127 6.75 2.84 -9.68
C LEU A 127 7.42 4.17 -10.01
N GLY A 128 6.94 4.86 -11.05
CA GLY A 128 7.57 6.12 -11.43
C GLY A 128 7.52 7.17 -10.33
N LYS A 129 6.41 7.24 -9.61
CA LYS A 129 6.30 8.16 -8.49
C LYS A 129 7.29 7.79 -7.39
N LEU A 130 7.46 6.49 -7.12
CA LEU A 130 8.46 6.08 -6.13
C LEU A 130 9.87 6.39 -6.61
N ALA A 131 10.14 6.20 -7.91
CA ALA A 131 11.44 6.56 -8.45
C ALA A 131 11.73 8.05 -8.25
N HIS A 132 10.74 8.89 -8.49
CA HIS A 132 10.89 10.32 -8.28
C HIS A 132 11.24 10.65 -6.83
N ARG A 133 10.61 9.97 -5.85
CA ARG A 133 10.97 10.18 -4.45
C ARG A 133 12.41 9.79 -4.17
N LEU A 134 12.82 8.62 -4.67
CA LEU A 134 14.16 8.13 -4.41
C LEU A 134 15.20 9.05 -5.03
N LYS A 135 14.93 9.53 -6.26
CA LYS A 135 15.87 10.46 -6.92
C LYS A 135 15.97 11.78 -6.16
N ASN A 136 14.85 12.29 -5.66
CA ASN A 136 14.91 13.44 -4.76
C ASN A 136 15.83 13.20 -3.56
N GLU A 137 16.17 11.94 -3.26
CA GLU A 137 16.96 11.61 -2.09
C GLU A 137 18.41 11.29 -2.44
N GLY A 138 18.83 11.59 -3.66
CA GLY A 138 20.17 11.26 -4.11
C GLY A 138 20.34 9.83 -4.55
N THR A 139 19.30 9.01 -4.45
CA THR A 139 19.43 7.60 -4.82
C THR A 139 19.50 7.48 -6.33
N LYS A 140 20.45 6.68 -6.83
CA LYS A 140 20.58 6.40 -8.25
C LYS A 140 19.69 5.21 -8.58
N VAL A 141 18.69 5.43 -9.43
CA VAL A 141 17.62 4.45 -9.67
C VAL A 141 17.65 3.98 -11.10
N LEU A 142 17.63 2.66 -11.30
CA LEU A 142 17.41 2.02 -12.59
C LEU A 142 16.03 1.40 -12.63
N MET A 143 15.30 1.63 -13.72
CA MET A 143 13.98 1.05 -13.91
C MET A 143 14.11 -0.20 -14.77
N ALA A 144 13.29 -1.20 -14.47
CA ALA A 144 13.24 -2.45 -15.23
C ALA A 144 11.83 -2.65 -15.76
N ALA A 145 11.70 -2.67 -17.09
CA ALA A 145 10.40 -2.82 -17.74
C ALA A 145 10.02 -4.29 -17.87
N GLY A 146 9.68 -4.88 -16.73
CA GLY A 146 9.32 -6.29 -16.66
C GLY A 146 7.91 -6.67 -17.06
N ASP A 147 7.06 -5.71 -17.40
CA ASP A 147 5.76 -6.01 -18.01
C ASP A 147 6.00 -6.14 -19.50
N THR A 148 6.11 -7.38 -19.98
CA THR A 148 6.44 -7.59 -21.39
C THR A 148 5.22 -7.92 -22.23
N PHE A 149 4.00 -7.88 -21.66
CA PHE A 149 2.80 -8.18 -22.43
C PHE A 149 2.73 -7.32 -23.68
N ARG A 150 2.92 -6.01 -23.51
CA ARG A 150 2.83 -5.01 -24.55
C ARG A 150 4.09 -4.17 -24.73
N ALA A 151 4.25 -3.72 -25.97
CA ALA A 151 5.17 -2.62 -26.28
C ALA A 151 4.79 -1.36 -25.49
N ALA A 152 3.49 -1.05 -25.42
CA ALA A 152 3.04 0.19 -24.80
C ALA A 152 3.37 0.23 -23.31
N ALA A 153 3.52 -0.93 -22.67
CA ALA A 153 3.87 -0.96 -21.25
C ALA A 153 5.29 -0.46 -21.03
N SER A 154 6.24 -0.91 -21.86
CA SER A 154 7.60 -0.40 -21.75
C SER A 154 7.67 1.06 -22.18
N ASP A 155 6.93 1.46 -23.21
CA ASP A 155 6.96 2.86 -23.59
C ASP A 155 6.35 3.75 -22.50
N GLN A 156 5.28 3.28 -21.86
CA GLN A 156 4.73 4.02 -20.72
C GLN A 156 5.77 4.16 -19.62
N LEU A 157 6.41 3.06 -19.24
CA LEU A 157 7.47 3.15 -18.24
C LEU A 157 8.63 4.02 -18.73
N GLU A 158 8.89 4.02 -20.04
CA GLU A 158 10.00 4.83 -20.54
C GLU A 158 9.69 6.32 -20.37
N ILE A 159 8.42 6.69 -20.47
CA ILE A 159 8.01 8.07 -20.17
C ILE A 159 8.33 8.42 -18.74
N TRP A 160 8.12 7.48 -17.82
CA TRP A 160 8.42 7.75 -16.42
C TRP A 160 9.92 7.87 -16.18
N ALA A 161 10.70 6.98 -16.80
CA ALA A 161 12.14 7.05 -16.62
C ALA A 161 12.71 8.38 -17.11
N GLU A 162 12.01 9.09 -17.96
CA GLU A 162 12.69 10.25 -18.52
C GLU A 162 12.38 11.51 -17.72
N ARG A 163 11.14 11.63 -17.22
CA ARG A 163 10.76 12.76 -16.36
C ARG A 163 11.07 12.52 -14.89
N THR A 164 11.86 11.50 -14.56
CA THR A 164 12.40 11.34 -13.22
C THR A 164 13.91 11.24 -13.22
N GLY A 165 14.55 11.15 -14.38
CA GLY A 165 15.99 11.05 -14.44
C GLY A 165 16.52 9.66 -14.30
N CYS A 166 15.75 8.66 -14.71
CA CYS A 166 16.12 7.26 -14.56
C CYS A 166 16.47 6.66 -15.90
N GLU A 167 17.53 5.87 -15.91
CA GLU A 167 17.75 4.96 -17.02
C GLU A 167 16.81 3.77 -16.88
N ILE A 168 16.57 3.09 -17.99
CA ILE A 168 15.55 2.05 -18.04
C ILE A 168 16.06 0.88 -18.88
N VAL A 169 15.78 -0.33 -18.42
CA VAL A 169 16.12 -1.56 -19.11
C VAL A 169 14.83 -2.13 -19.68
N VAL A 170 14.76 -2.23 -21.01
CA VAL A 170 13.59 -2.79 -21.67
C VAL A 170 13.97 -4.13 -22.30
N ALA A 171 12.95 -4.90 -22.67
CA ALA A 171 13.18 -6.21 -23.27
C ALA A 171 13.79 -6.05 -24.66
N GLU A 172 14.51 -7.08 -25.10
CA GLU A 172 15.12 -7.03 -26.42
C GLU A 172 14.18 -7.50 -27.52
N GLY A 173 13.39 -8.55 -27.27
CA GLY A 173 12.36 -8.99 -28.20
C GLY A 173 11.03 -9.15 -27.49
N ASP A 174 9.97 -9.36 -28.28
CA ASP A 174 8.63 -9.31 -27.70
C ASP A 174 8.32 -10.52 -26.82
N LYS A 175 8.81 -11.70 -27.19
CA LYS A 175 8.49 -12.88 -26.39
C LYS A 175 9.37 -13.00 -25.14
N ALA A 176 10.10 -11.94 -24.78
CA ALA A 176 11.05 -12.02 -23.68
C ALA A 176 10.33 -12.28 -22.36
N LYS A 177 10.93 -13.13 -21.54
CA LYS A 177 10.38 -13.40 -20.22
C LYS A 177 10.61 -12.20 -19.31
N ALA A 178 9.70 -11.99 -18.36
CA ALA A 178 9.92 -10.94 -17.36
C ALA A 178 11.22 -11.18 -16.60
N ALA A 179 11.42 -12.40 -16.10
CA ALA A 179 12.66 -12.73 -15.38
C ALA A 179 13.90 -12.39 -16.19
N THR A 180 13.86 -12.60 -17.51
CA THR A 180 15.01 -12.26 -18.33
C THR A 180 15.32 -10.77 -18.24
N VAL A 181 14.31 -9.93 -18.43
CA VAL A 181 14.53 -8.49 -18.33
C VAL A 181 14.97 -8.11 -16.93
N LEU A 182 14.33 -8.68 -15.91
CA LEU A 182 14.67 -8.27 -14.55
C LEU A 182 16.11 -8.66 -14.21
N SER A 183 16.56 -9.84 -14.68
CA SER A 183 17.92 -10.27 -14.41
C SER A 183 18.93 -9.38 -15.14
N LYS A 184 18.66 -9.09 -16.42
CA LYS A 184 19.51 -8.14 -17.13
C LYS A 184 19.58 -6.83 -16.38
N ALA A 185 18.42 -6.33 -15.93
CA ALA A 185 18.39 -5.01 -15.29
C ALA A 185 19.15 -5.00 -13.98
N VAL A 186 19.00 -6.03 -13.15
CA VAL A 186 19.73 -6.05 -11.89
C VAL A 186 21.22 -6.28 -12.12
N LYS A 187 21.56 -7.11 -13.12
CA LYS A 187 22.95 -7.21 -13.53
C LYS A 187 23.50 -5.84 -13.89
N ARG A 188 22.77 -5.11 -14.73
CA ARG A 188 23.23 -3.78 -15.15
C ARG A 188 23.33 -2.84 -13.96
N GLY A 189 22.38 -2.92 -13.02
CA GLY A 189 22.37 -1.99 -11.90
C GLY A 189 23.57 -2.17 -11.00
N LYS A 190 23.96 -3.42 -10.76
CA LYS A 190 25.19 -3.67 -10.03
C LYS A 190 26.38 -2.98 -10.70
N GLU A 191 26.49 -3.12 -12.02
CA GLU A 191 27.68 -2.69 -12.73
C GLU A 191 27.78 -1.17 -12.84
N GLU A 192 26.68 -0.49 -13.17
CA GLU A 192 26.72 0.96 -13.33
C GLU A 192 26.66 1.73 -12.02
N GLY A 193 26.73 1.06 -10.87
CA GLY A 193 26.69 1.75 -9.59
C GLY A 193 25.33 2.24 -9.13
N TYR A 194 24.27 1.48 -9.38
CA TYR A 194 22.93 1.88 -8.94
C TYR A 194 22.63 1.47 -7.50
N ASP A 195 21.93 2.35 -6.80
CA ASP A 195 21.44 2.04 -5.47
C ASP A 195 20.19 1.16 -5.51
N VAL A 196 19.29 1.42 -6.46
CA VAL A 196 18.00 0.74 -6.51
C VAL A 196 17.64 0.40 -7.95
N VAL A 197 17.22 -0.83 -8.18
CA VAL A 197 16.55 -1.22 -9.41
C VAL A 197 15.07 -1.42 -9.08
N LEU A 198 14.20 -0.65 -9.75
CA LEU A 198 12.75 -0.75 -9.57
C LEU A 198 12.14 -1.53 -10.73
N CYS A 199 11.53 -2.67 -10.41
CA CYS A 199 11.01 -3.61 -11.40
C CYS A 199 9.50 -3.50 -11.54
N ASP A 200 9.06 -3.11 -12.73
CA ASP A 200 7.66 -3.23 -13.12
C ASP A 200 7.42 -4.68 -13.53
N THR A 201 6.20 -5.17 -13.30
CA THR A 201 5.84 -6.53 -13.64
C THR A 201 4.47 -6.54 -14.32
N SER A 202 4.12 -7.68 -14.91
CA SER A 202 2.82 -7.81 -15.56
C SER A 202 1.75 -8.15 -14.53
N GLY A 203 0.54 -7.68 -14.79
CA GLY A 203 -0.58 -8.03 -13.93
C GLY A 203 -1.77 -8.56 -14.70
N ARG A 204 -1.53 -9.47 -15.66
CA ARG A 204 -2.60 -9.86 -16.57
C ARG A 204 -3.79 -10.45 -15.82
N LEU A 205 -4.96 -9.84 -16.01
CA LEU A 205 -6.17 -10.33 -15.35
C LEU A 205 -6.72 -11.60 -15.98
N HIS A 206 -6.29 -11.96 -17.20
CA HIS A 206 -6.65 -13.26 -17.75
C HIS A 206 -6.21 -14.39 -16.81
N THR A 207 -5.00 -14.27 -16.25
CA THR A 207 -4.45 -15.12 -15.18
C THR A 207 -4.62 -16.61 -15.48
N ASN A 208 -5.04 -16.93 -16.70
CA ASN A 208 -4.67 -18.19 -17.35
C ASN A 208 -3.29 -18.06 -17.99
N TYR A 209 -2.59 -17.01 -17.54
CA TYR A 209 -1.28 -16.60 -18.04
C TYR A 209 -0.15 -17.03 -17.09
N SER A 210 -0.48 -17.66 -15.96
CA SER A 210 0.49 -18.10 -14.95
C SER A 210 1.30 -16.91 -14.43
N LEU A 211 0.57 -15.90 -13.94
CA LEU A 211 1.23 -14.70 -13.43
C LEU A 211 2.11 -15.04 -12.23
N MET A 212 1.55 -15.79 -11.27
CA MET A 212 2.28 -16.14 -10.06
C MET A 212 3.62 -16.78 -10.41
N GLU A 213 3.60 -17.70 -11.37
CA GLU A 213 4.80 -18.43 -11.80
C GLU A 213 5.85 -17.47 -12.31
N GLU A 214 5.43 -16.52 -13.16
CA GLU A 214 6.37 -15.58 -13.75
C GLU A 214 6.98 -14.68 -12.67
N LEU A 215 6.20 -14.36 -11.64
CA LEU A 215 6.72 -13.55 -10.54
C LEU A 215 7.74 -14.33 -9.72
N ILE A 216 7.47 -15.61 -9.47
CA ILE A 216 8.43 -16.45 -8.75
C ILE A 216 9.72 -16.55 -9.54
N ALA A 217 9.62 -16.65 -10.87
CA ALA A 217 10.84 -16.72 -11.66
C ALA A 217 11.59 -15.39 -11.67
N CYS A 218 10.88 -14.26 -11.59
CA CYS A 218 11.57 -12.98 -11.45
C CYS A 218 12.31 -12.92 -10.13
N LYS A 219 11.66 -13.41 -9.07
CA LYS A 219 12.26 -13.41 -7.75
C LYS A 219 13.59 -14.19 -7.75
N LYS A 220 13.56 -15.43 -8.22
CA LYS A 220 14.80 -16.22 -8.31
C LYS A 220 15.83 -15.54 -9.20
N ALA A 221 15.41 -14.98 -10.33
CA ALA A 221 16.37 -14.38 -11.27
C ALA A 221 17.11 -13.22 -10.63
N VAL A 222 16.43 -12.38 -9.85
CA VAL A 222 17.12 -11.24 -9.26
C VAL A 222 17.98 -11.71 -8.08
N GLY A 223 17.53 -12.72 -7.35
CA GLY A 223 18.28 -13.19 -6.20
C GLY A 223 19.62 -13.80 -6.56
N LYS A 224 19.75 -14.31 -7.79
CA LYS A 224 21.04 -14.85 -8.24
C LYS A 224 22.04 -13.74 -8.57
N ILE A 225 21.56 -12.53 -8.81
CA ILE A 225 22.46 -11.43 -9.13
C ILE A 225 22.94 -10.72 -7.86
N VAL A 226 22.02 -10.44 -6.94
CA VAL A 226 22.35 -9.93 -5.61
C VAL A 226 21.61 -10.82 -4.63
N SER A 227 22.35 -11.58 -3.82
CA SER A 227 21.69 -12.38 -2.80
C SER A 227 20.92 -11.45 -1.88
N GLY A 228 19.75 -11.89 -1.45
CA GLY A 228 18.85 -11.06 -0.70
C GLY A 228 17.82 -10.32 -1.53
N ALA A 229 18.02 -10.18 -2.84
CA ALA A 229 17.02 -9.50 -3.64
C ALA A 229 15.86 -10.46 -3.94
N PRO A 230 14.63 -9.92 -4.13
CA PRO A 230 14.19 -8.53 -3.99
C PRO A 230 14.12 -8.13 -2.52
N ASN A 231 14.58 -6.93 -2.20
CA ASN A 231 14.49 -6.46 -0.83
C ASN A 231 13.05 -6.11 -0.45
N GLU A 232 12.23 -5.75 -1.43
CA GLU A 232 10.82 -5.45 -1.20
C GLU A 232 10.02 -5.97 -2.39
N ILE A 233 8.86 -6.56 -2.12
CA ILE A 233 7.86 -6.82 -3.14
C ILE A 233 6.60 -6.08 -2.69
N LEU A 234 6.24 -5.04 -3.41
CA LEU A 234 5.12 -4.17 -3.03
C LEU A 234 3.92 -4.51 -3.89
N LEU A 235 2.82 -4.86 -3.22
CA LEU A 235 1.56 -5.17 -3.87
C LEU A 235 0.73 -3.91 -4.02
N VAL A 236 0.39 -3.58 -5.25
CA VAL A 236 -0.45 -2.42 -5.53
C VAL A 236 -1.89 -2.90 -5.54
N LEU A 237 -2.73 -2.22 -4.73
CA LEU A 237 -4.16 -2.47 -4.65
C LEU A 237 -4.88 -1.14 -4.78
N ASP A 238 -5.80 -1.05 -5.74
CA ASP A 238 -6.71 0.09 -5.81
C ASP A 238 -7.46 0.17 -4.49
N GLY A 239 -7.29 1.28 -3.78
CA GLY A 239 -7.88 1.40 -2.44
C GLY A 239 -9.39 1.33 -2.40
N ASN A 240 -10.06 1.66 -3.51
CA ASN A 240 -11.52 1.66 -3.51
C ASN A 240 -12.09 0.25 -3.64
N THR A 241 -11.44 -0.60 -4.42
CA THR A 241 -11.91 -1.96 -4.64
C THR A 241 -11.04 -2.99 -3.93
N GLY A 242 -10.31 -2.56 -2.90
CA GLY A 242 -9.36 -3.46 -2.27
C GLY A 242 -10.02 -4.56 -1.47
N LEU A 243 -11.12 -4.25 -0.78
CA LEU A 243 -11.79 -5.22 0.06
C LEU A 243 -12.39 -6.38 -0.73
N ASN A 244 -12.43 -6.27 -2.05
CA ASN A 244 -13.12 -7.25 -2.87
C ASN A 244 -12.19 -8.38 -3.24
N MET A 245 -10.99 -8.02 -3.64
CA MET A 245 -9.99 -8.91 -4.19
C MET A 245 -9.02 -9.46 -3.14
N LEU A 246 -9.36 -9.34 -1.86
CA LEU A 246 -8.51 -9.91 -0.81
C LEU A 246 -8.06 -11.34 -1.08
N PRO A 247 -8.91 -12.25 -1.59
CA PRO A 247 -8.36 -13.56 -2.02
C PRO A 247 -7.19 -13.42 -2.98
N GLN A 248 -7.28 -12.51 -3.96
CA GLN A 248 -6.17 -12.33 -4.90
C GLN A 248 -4.95 -11.76 -4.21
N ALA A 249 -5.15 -10.80 -3.29
CA ALA A 249 -4.05 -10.26 -2.51
C ALA A 249 -3.33 -11.37 -1.74
N ARG A 250 -4.10 -12.20 -1.04
CA ARG A 250 -3.50 -13.28 -0.24
C ARG A 250 -2.72 -14.23 -1.11
N GLU A 251 -3.18 -14.47 -2.35
CA GLU A 251 -2.46 -15.36 -3.25
C GLU A 251 -1.09 -14.77 -3.58
N PHE A 252 -1.05 -13.47 -3.91
CA PHE A 252 0.23 -12.80 -4.11
C PHE A 252 1.11 -12.99 -2.88
N ASN A 253 0.56 -12.71 -1.71
CA ASN A 253 1.33 -12.81 -0.48
C ASN A 253 1.78 -14.23 -0.19
N GLU A 254 0.91 -15.22 -0.43
CA GLU A 254 1.26 -16.60 -0.11
C GLU A 254 2.27 -17.19 -1.10
N VAL A 255 2.10 -16.91 -2.39
CA VAL A 255 2.87 -17.57 -3.45
C VAL A 255 4.15 -16.79 -3.71
N VAL A 256 4.00 -15.51 -4.05
CA VAL A 256 5.12 -14.58 -4.00
C VAL A 256 5.07 -14.21 -2.53
N GLY A 257 5.98 -13.41 -2.05
CA GLY A 257 5.78 -12.96 -0.68
C GLY A 257 5.80 -11.45 -0.65
N ILE A 258 4.74 -10.83 -0.14
CA ILE A 258 4.57 -9.39 -0.20
C ILE A 258 5.16 -8.78 1.07
N THR A 259 5.97 -7.72 0.91
CA THR A 259 6.56 -7.05 2.05
C THR A 259 5.84 -5.77 2.43
N GLY A 260 5.02 -5.25 1.54
CA GLY A 260 4.31 -4.01 1.80
C GLY A 260 3.25 -3.78 0.76
N LEU A 261 2.29 -2.92 1.10
CA LEU A 261 1.19 -2.55 0.22
C LEU A 261 1.34 -1.12 -0.27
N ILE A 262 0.90 -0.89 -1.49
CA ILE A 262 0.67 0.44 -2.02
C ILE A 262 -0.83 0.50 -2.33
N LEU A 263 -1.56 1.32 -1.59
CA LEU A 263 -2.98 1.50 -1.82
C LEU A 263 -3.15 2.75 -2.67
N THR A 264 -3.69 2.60 -3.85
CA THR A 264 -3.73 3.70 -4.80
C THR A 264 -5.13 4.28 -4.91
N LYS A 265 -5.21 5.42 -5.59
CA LYS A 265 -6.47 6.07 -5.97
C LYS A 265 -7.27 6.48 -4.74
N LEU A 266 -6.56 6.84 -3.67
CA LEU A 266 -7.24 7.27 -2.47
C LEU A 266 -7.46 8.78 -2.45
N ASP A 267 -7.38 9.45 -3.61
CA ASP A 267 -7.45 10.90 -3.68
C ASP A 267 -8.71 11.38 -2.96
N GLY A 268 -8.52 12.14 -1.89
CA GLY A 268 -9.67 12.64 -1.13
C GLY A 268 -10.64 11.55 -0.74
N SER A 269 -10.11 10.39 -0.36
CA SER A 269 -10.97 9.24 -0.08
C SER A 269 -11.85 9.53 1.13
N ALA A 270 -13.16 9.26 0.97
CA ALA A 270 -14.11 9.09 2.06
C ALA A 270 -14.10 7.66 2.57
N ARG A 271 -13.16 6.84 2.09
CA ARG A 271 -13.18 5.43 2.37
C ARG A 271 -11.96 5.03 3.21
N GLY A 272 -11.38 5.99 3.93
CA GLY A 272 -10.18 5.79 4.74
C GLY A 272 -10.15 4.53 5.59
N GLY A 273 -11.32 4.06 6.02
CA GLY A 273 -11.39 2.82 6.79
C GLY A 273 -10.88 1.61 6.03
N CYS A 274 -11.04 1.59 4.70
CA CYS A 274 -10.55 0.46 3.92
C CYS A 274 -9.06 0.23 4.15
N VAL A 275 -8.30 1.31 4.34
CA VAL A 275 -6.89 1.17 4.72
C VAL A 275 -6.78 0.30 5.96
N VAL A 276 -7.50 0.65 7.01
CA VAL A 276 -7.50 -0.16 8.22
C VAL A 276 -7.95 -1.58 7.91
N SER A 277 -9.02 -1.71 7.12
CA SER A 277 -9.61 -3.02 6.89
C SER A 277 -8.67 -3.94 6.12
N VAL A 278 -8.11 -3.48 5.00
CA VAL A 278 -7.19 -4.36 4.26
C VAL A 278 -5.99 -4.71 5.12
N VAL A 279 -5.44 -3.75 5.86
CA VAL A 279 -4.27 -4.05 6.70
C VAL A 279 -4.63 -5.09 7.74
N GLU A 280 -5.79 -4.93 8.37
CA GLU A 280 -6.22 -5.88 9.38
C GLU A 280 -6.43 -7.26 8.78
N GLU A 281 -6.94 -7.32 7.55
CA GLU A 281 -7.31 -8.61 6.96
C GLU A 281 -6.13 -9.31 6.31
N LEU A 282 -5.15 -8.55 5.79
CA LEU A 282 -3.99 -9.12 5.11
C LEU A 282 -2.79 -9.27 6.02
N GLY A 283 -2.66 -8.43 7.05
CA GLY A 283 -1.51 -8.45 7.91
C GLY A 283 -0.23 -8.01 7.21
N ILE A 284 -0.35 -7.21 6.17
CA ILE A 284 0.79 -6.64 5.46
C ILE A 284 0.76 -5.14 5.67
N PRO A 285 1.85 -4.51 6.09
CA PRO A 285 1.84 -3.06 6.29
C PRO A 285 1.59 -2.33 4.98
N VAL A 286 0.87 -1.23 5.09
CA VAL A 286 0.82 -0.28 3.99
C VAL A 286 2.05 0.59 4.06
N LYS A 287 2.75 0.74 2.93
CA LYS A 287 3.95 1.55 2.95
C LYS A 287 3.79 2.87 2.22
N PHE A 288 2.84 2.96 1.28
CA PHE A 288 2.59 4.16 0.49
C PHE A 288 1.12 4.21 0.11
N ILE A 289 0.60 5.43 -0.02
CA ILE A 289 -0.75 5.68 -0.51
C ILE A 289 -0.66 6.51 -1.78
N GLY A 290 -1.39 6.09 -2.82
CA GLY A 290 -1.50 6.88 -4.03
C GLY A 290 -2.68 7.81 -3.84
N VAL A 291 -2.47 9.09 -4.14
CA VAL A 291 -3.48 10.10 -3.84
C VAL A 291 -3.70 11.00 -5.04
N GLY A 292 -3.42 10.50 -6.24
CA GLY A 292 -3.53 11.30 -7.43
C GLY A 292 -2.61 10.80 -8.54
N GLU A 293 -2.63 11.52 -9.66
CA GLU A 293 -1.88 11.11 -10.85
C GLU A 293 -0.61 11.92 -11.09
N ALA A 294 -0.35 12.97 -10.30
CA ALA A 294 0.88 13.73 -10.47
C ALA A 294 2.06 12.98 -9.86
N VAL A 295 3.27 13.37 -10.28
CA VAL A 295 4.45 12.59 -9.90
C VAL A 295 4.66 12.59 -8.39
N GLU A 296 4.24 13.63 -7.71
CA GLU A 296 4.45 13.70 -6.27
C GLU A 296 3.33 13.02 -5.48
N ASP A 297 2.31 12.51 -6.16
CA ASP A 297 1.13 11.97 -5.48
C ASP A 297 1.34 10.55 -4.96
N LEU A 298 2.46 10.31 -4.28
CA LEU A 298 2.74 9.06 -3.59
C LEU A 298 3.28 9.44 -2.22
N GLN A 299 2.58 9.10 -1.19
CA GLN A 299 2.98 9.54 0.11
C GLN A 299 3.35 8.36 0.98
N PRO A 300 4.42 8.45 1.76
CA PRO A 300 4.76 7.35 2.67
C PRO A 300 3.66 7.23 3.70
N PHE A 301 3.43 6.00 4.16
CA PHE A 301 2.35 5.73 5.09
C PHE A 301 2.89 5.72 6.52
N ASP A 302 2.30 6.54 7.37
CA ASP A 302 2.66 6.62 8.78
C ASP A 302 1.39 6.40 9.57
N PRO A 303 1.26 5.29 10.30
CA PRO A 303 -0.03 4.93 10.88
C PRO A 303 -0.55 5.96 11.86
N GLU A 304 0.33 6.49 12.72
CA GLU A 304 -0.08 7.54 13.66
C GLU A 304 -0.52 8.77 12.91
N ALA A 305 0.24 9.18 11.88
CA ALA A 305 -0.18 10.37 11.12
C ALA A 305 -1.50 10.11 10.41
N PHE A 306 -1.72 8.87 9.97
CA PHE A 306 -2.95 8.55 9.28
C PHE A 306 -4.14 8.63 10.23
N VAL A 307 -4.02 7.99 11.39
CA VAL A 307 -5.10 8.03 12.39
C VAL A 307 -5.40 9.47 12.80
N ASN A 308 -4.36 10.30 12.95
CA ASN A 308 -4.61 11.72 13.18
C ASN A 308 -5.31 12.35 11.98
N ALA A 309 -4.90 11.97 10.76
CA ALA A 309 -5.48 12.56 9.55
C ALA A 309 -7.00 12.39 9.50
N ILE A 310 -7.49 11.17 9.74
CA ILE A 310 -8.92 10.90 9.57
C ILE A 310 -9.77 11.24 10.79
N PHE A 311 -9.16 11.33 11.98
CA PHE A 311 -9.90 11.66 13.19
C PHE A 311 -9.55 13.05 13.74
N SER A 312 -8.67 13.79 13.06
CA SER A 312 -8.12 15.09 13.49
C SER A 312 -7.58 15.03 14.90
PB G4P B . -0.95 -0.87 -13.94
O1B G4P B . -1.64 -1.63 -15.04
O2B G4P B . 0.51 -0.54 -14.25
O3B G4P B . -1.09 -1.62 -12.65
O3A G4P B . -1.68 0.55 -13.74
PA G4P B . -1.07 1.96 -14.17
O1A G4P B . 0.17 2.38 -13.41
O2A G4P B . -0.91 1.96 -15.68
O5' G4P B . -2.27 3.00 -13.66
C5' G4P B . -3.57 2.75 -14.13
C4' G4P B . -4.33 4.04 -14.00
O4' G4P B . -4.59 4.25 -12.73
C3' G4P B . -3.41 5.31 -14.55
O3' G4P B . -4.29 6.24 -15.30
C2' G4P B . -2.94 5.89 -13.55
O2' G4P B . -2.83 7.37 -13.76
C1' G4P B . -4.11 5.65 -12.50
N9 G4P B . -3.88 5.99 -11.22
C8 G4P B . -2.88 5.20 -10.75
N7 G4P B . -2.66 5.56 -9.44
C5 G4P B . -3.54 6.53 -9.12
C6 G4P B . -3.88 7.40 -7.88
O6 G4P B . -3.32 7.29 -6.82
N1 G4P B . -4.92 8.39 -7.98
C2 G4P B . -5.65 8.56 -9.20
N2 G4P B . -6.68 9.53 -9.36
N3 G4P B . -5.32 7.77 -10.36
C4 G4P B . -4.26 6.76 -10.25
PC G4P B . -4.83 5.78 -16.82
O1C G4P B . -5.24 4.32 -16.93
O2C G4P B . -6.03 6.66 -17.16
O3C G4P B . -3.58 5.99 -17.90
PD G4P B . -2.71 7.39 -17.91
O1D G4P B . -1.30 7.15 -17.38
O2D G4P B . -2.63 7.93 -19.32
O3D G4P B . -3.45 8.36 -17.00
MG MG C . 1.62 -1.27 -15.89
#